data_3N2D
#
_entry.id   3N2D
#
_cell.length_a   131.186
_cell.length_b   131.186
_cell.length_c   40.734
_cell.angle_alpha   90.00
_cell.angle_beta   90.00
_cell.angle_gamma   120.00
#
_symmetry.space_group_name_H-M   'H 3'
#
loop_
_entity.id
_entity.type
_entity.pdbx_description
1 polymer 'Ribosome inactivating protein'
2 polymer '6-meric peptide from 60S acidic ribosomal protein P2-beta'
3 branched 2-acetamido-2-deoxy-beta-D-glucopyranose-(1-4)-2-acetamido-2-deoxy-beta-D-glucopyranose
4 water water
#
loop_
_entity_poly.entity_id
_entity_poly.type
_entity_poly.pdbx_seq_one_letter_code
_entity_poly.pdbx_strand_id
1 'polypeptide(L)'
;DVSFRLSGADPSSYGMFIKDLRNALPHTEKVYNIPLLLPSVSGAGRYLLMHLFNYDGNTITVAVDVTNVYIMGYLALTTS
YFFNEPAADLASQYVFRSARRKITLPYSGNYERLQIAAGKPREKIPIGLPALDTAISTLLHYDSTAAAGALLVLIQTTAE
AARFKYIEQQIQERAYRDEVPSSATISLENSWSGLSKQIQLAQGNNGVFRTPTVLVDSKGNRVQITNVTSNVVTSNIQLL
LNTKNI
;
A
2 'polypeptide(L)' SDDDMG B
#
loop_
_chem_comp.id
_chem_comp.type
_chem_comp.name
_chem_comp.formula
NAG D-saccharide, beta linking 2-acetamido-2-deoxy-beta-D-glucopyranose 'C8 H15 N O6'
#
# COMPACT_ATOMS: atom_id res chain seq x y z
N ASP A 1 9.52 -0.85 14.29
CA ASP A 1 9.73 -0.71 12.81
C ASP A 1 9.65 -2.06 12.10
N VAL A 2 9.46 -2.00 10.79
CA VAL A 2 9.51 -3.18 9.94
C VAL A 2 10.62 -3.05 8.88
N SER A 3 11.20 -4.18 8.48
CA SER A 3 12.37 -4.20 7.59
C SER A 3 12.22 -5.24 6.50
N PHE A 4 12.79 -4.96 5.33
CA PHE A 4 12.77 -5.87 4.22
C PHE A 4 14.02 -5.67 3.40
N ARG A 5 14.75 -6.74 3.18
CA ARG A 5 15.98 -6.69 2.43
C ARG A 5 15.79 -7.42 1.11
N LEU A 6 16.13 -6.76 0.01
CA LEU A 6 16.05 -7.42 -1.28
C LEU A 6 17.19 -8.39 -1.57
N SER A 7 18.36 -8.20 -0.97
CA SER A 7 19.40 -9.18 -1.14
C SER A 7 18.94 -10.52 -0.57
N GLY A 8 18.87 -11.51 -1.46
CA GLY A 8 18.46 -12.85 -1.07
C GLY A 8 16.98 -13.00 -0.80
N ALA A 9 16.19 -12.02 -1.25
CA ALA A 9 14.74 -12.05 -1.10
C ALA A 9 14.12 -13.12 -1.98
N ASP A 10 13.23 -13.90 -1.40
CA ASP A 10 12.42 -14.85 -2.15
C ASP A 10 10.96 -14.61 -1.76
N PRO A 11 10.01 -15.33 -2.43
CA PRO A 11 8.58 -15.21 -2.12
C PRO A 11 8.24 -15.38 -0.64
N SER A 12 9.07 -16.12 0.09
CA SER A 12 8.80 -16.45 1.47
C SER A 12 9.19 -15.25 2.40
N SER A 13 10.33 -14.62 2.16
CA SER A 13 10.78 -13.53 3.02
C SER A 13 9.99 -12.24 2.78
N TYR A 14 9.56 -12.07 1.53
CA TYR A 14 8.58 -11.08 1.18
C TYR A 14 7.26 -11.31 1.94
N GLY A 15 6.79 -12.55 1.97
CA GLY A 15 5.60 -12.93 2.74
C GLY A 15 5.73 -12.61 4.22
N MET A 16 6.90 -12.88 4.78
CA MET A 16 7.14 -12.56 6.20
C MET A 16 7.11 -11.05 6.45
N PHE A 17 7.65 -10.28 5.51
CA PHE A 17 7.62 -8.82 5.60
C PHE A 17 6.17 -8.30 5.53
N ILE A 18 5.38 -8.84 4.62
CA ILE A 18 3.99 -8.37 4.50
C ILE A 18 3.20 -8.72 5.76
N LYS A 19 3.49 -9.88 6.36
CA LYS A 19 2.90 -10.27 7.65
C LYS A 19 3.32 -9.37 8.82
N ASP A 20 4.61 -9.00 8.85
CA ASP A 20 5.16 -8.09 9.85
C ASP A 20 4.50 -6.73 9.74
N LEU A 21 4.31 -6.27 8.50
CA LEU A 21 3.68 -4.98 8.25
C LEU A 21 2.20 -4.98 8.70
N ARG A 22 1.46 -6.04 8.41
CA ARG A 22 0.07 -6.16 8.86
C ARG A 22 -0.08 -6.09 10.39
N ASN A 23 0.67 -6.88 11.13
CA ASN A 23 0.44 -6.82 12.56
C ASN A 23 1.31 -5.79 13.29
N ALA A 24 1.97 -4.94 12.50
CA ALA A 24 2.54 -3.69 13.02
C ALA A 24 1.46 -2.62 13.06
N LEU A 25 0.33 -2.87 12.40
CA LEU A 25 -0.76 -1.89 12.36
C LEU A 25 -1.72 -2.16 13.49
N PRO A 26 -1.97 -1.14 14.35
CA PRO A 26 -2.82 -1.36 15.51
C PRO A 26 -4.30 -1.30 15.18
N HIS A 27 -5.06 -2.10 15.92
CA HIS A 27 -6.50 -2.18 15.79
C HIS A 27 -7.05 -2.60 17.16
N THR A 28 -8.26 -2.17 17.46
CA THR A 28 -8.93 -2.58 18.69
C THR A 28 -9.84 -3.77 18.44
N GLU A 29 -10.56 -3.74 17.31
CA GLU A 29 -11.53 -4.77 17.00
C GLU A 29 -11.43 -5.39 15.60
N LYS A 30 -12.25 -6.43 15.38
CA LYS A 30 -12.41 -7.06 14.08
C LYS A 30 -13.87 -7.02 13.65
N VAL A 31 -14.05 -6.84 12.35
CA VAL A 31 -15.36 -6.84 11.74
C VAL A 31 -15.27 -8.01 10.76
N TYR A 32 -16.13 -9.00 10.99
CA TYR A 32 -16.15 -10.25 10.22
C TYR A 32 -14.77 -10.89 10.10
N ASN A 33 -14.02 -10.79 11.18
CA ASN A 33 -12.72 -11.43 11.33
C ASN A 33 -11.56 -10.74 10.58
N ILE A 34 -11.77 -9.45 10.27
CA ILE A 34 -10.78 -8.63 9.58
C ILE A 34 -10.47 -7.42 10.45
N PRO A 35 -9.18 -7.24 10.80
CA PRO A 35 -8.73 -6.10 11.59
C PRO A 35 -9.25 -4.78 11.06
N LEU A 36 -9.83 -3.98 11.95
CA LEU A 36 -10.35 -2.66 11.64
C LEU A 36 -9.37 -1.65 12.17
N LEU A 37 -8.82 -0.85 11.26
CA LEU A 37 -7.84 0.15 11.64
C LEU A 37 -8.50 1.23 12.47
N LEU A 38 -7.70 1.90 13.29
CA LEU A 38 -8.19 2.89 14.23
C LEU A 38 -8.73 4.11 13.51
N PRO A 39 -9.70 4.82 14.13
CA PRO A 39 -10.19 6.06 13.53
C PRO A 39 -9.09 7.14 13.55
N SER A 40 -8.28 7.16 14.62
CA SER A 40 -7.17 8.09 14.75
C SER A 40 -6.17 7.65 15.81
N VAL A 41 -4.97 8.22 15.74
CA VAL A 41 -3.90 7.99 16.69
C VAL A 41 -3.19 9.34 16.78
N SER A 42 -2.85 9.76 18.00
CA SER A 42 -2.25 11.07 18.22
C SER A 42 -0.74 11.00 18.40
N GLY A 43 -0.06 12.03 17.92
CA GLY A 43 1.38 12.15 18.09
C GLY A 43 2.17 11.30 17.12
N ALA A 44 3.33 10.85 17.58
CA ALA A 44 4.26 10.09 16.75
C ALA A 44 3.83 8.62 16.60
N GLY A 45 2.79 8.24 17.36
CA GLY A 45 2.27 6.89 17.34
C GLY A 45 1.43 6.60 16.11
N ARG A 46 1.15 7.64 15.34
CA ARG A 46 0.35 7.52 14.15
C ARG A 46 1.18 6.96 12.98
N TYR A 47 2.49 6.91 13.14
CA TYR A 47 3.33 6.55 12.03
C TYR A 47 4.22 5.32 12.24
N LEU A 48 4.26 4.46 11.21
CA LEU A 48 5.13 3.30 11.16
C LEU A 48 6.30 3.54 10.19
N LEU A 49 7.50 3.16 10.61
CA LEU A 49 8.70 3.32 9.80
C LEU A 49 9.11 2.00 9.21
N MET A 50 9.16 1.96 7.88
CA MET A 50 9.62 0.81 7.14
C MET A 50 11.03 1.08 6.63
N HIS A 51 11.98 0.20 6.98
CA HIS A 51 13.31 0.28 6.42
C HIS A 51 13.40 -0.68 5.26
N LEU A 52 13.63 -0.16 4.07
CA LEU A 52 13.81 -0.99 2.88
C LEU A 52 15.27 -0.96 2.42
N PHE A 53 15.80 -2.13 2.07
CA PHE A 53 17.17 -2.25 1.60
C PHE A 53 17.18 -2.83 0.18
N ASN A 54 17.80 -2.12 -0.74
CA ASN A 54 17.94 -2.62 -2.08
C ASN A 54 19.02 -3.71 -2.11
N TYR A 55 19.17 -4.35 -3.27
CA TYR A 55 20.11 -5.46 -3.41
C TYR A 55 21.52 -5.14 -2.92
N ASP A 56 21.95 -3.90 -3.17
CA ASP A 56 23.30 -3.45 -2.82
C ASP A 56 23.41 -3.05 -1.37
N GLY A 57 22.29 -3.07 -0.67
CA GLY A 57 22.32 -2.77 0.74
C GLY A 57 22.12 -1.30 1.07
N ASN A 58 21.89 -0.46 0.07
CA ASN A 58 21.42 0.92 0.32
C ASN A 58 20.01 0.93 0.94
N THR A 59 19.67 2.00 1.64
CA THR A 59 18.42 2.03 2.40
C THR A 59 17.64 3.34 2.31
N ILE A 60 16.33 3.20 2.44
CA ILE A 60 15.40 4.31 2.62
C ILE A 60 14.43 3.91 3.73
N THR A 61 13.96 4.91 4.46
CA THR A 61 13.03 4.72 5.53
C THR A 61 11.76 5.43 5.11
N VAL A 62 10.64 4.70 5.12
CA VAL A 62 9.37 5.19 4.59
C VAL A 62 8.43 5.34 5.77
N ALA A 63 7.75 6.45 5.86
CA ALA A 63 6.78 6.65 6.96
C ALA A 63 5.37 6.40 6.49
N VAL A 64 4.65 5.59 7.27
CA VAL A 64 3.34 5.09 6.89
C VAL A 64 2.32 5.48 7.95
N ASP A 65 1.21 6.07 7.53
CA ASP A 65 0.13 6.43 8.45
C ASP A 65 -0.61 5.16 8.84
N VAL A 66 -0.55 4.79 10.12
CA VAL A 66 -1.14 3.50 10.57
C VAL A 66 -2.66 3.42 10.54
N THR A 67 -3.34 4.56 10.40
CA THR A 67 -4.81 4.59 10.35
C THR A 67 -5.34 4.29 8.95
N ASN A 68 -4.49 4.43 7.92
CA ASN A 68 -4.94 4.20 6.53
C ASN A 68 -3.91 3.55 5.61
N VAL A 69 -2.70 3.32 6.13
CA VAL A 69 -1.57 2.73 5.40
C VAL A 69 -1.10 3.61 4.20
N TYR A 70 -1.35 4.92 4.26
CA TYR A 70 -0.83 5.85 3.26
C TYR A 70 0.60 6.16 3.58
N ILE A 71 1.42 6.19 2.53
CA ILE A 71 2.81 6.62 2.67
C ILE A 71 2.82 8.15 2.76
N MET A 72 3.50 8.69 3.77
CA MET A 72 3.56 10.15 3.96
C MET A 72 4.82 10.75 3.33
N GLY A 73 5.93 10.02 3.45
CA GLY A 73 7.23 10.51 3.02
C GLY A 73 8.28 9.46 3.29
N TYR A 74 9.53 9.80 3.03
CA TYR A 74 10.63 8.85 3.15
C TYR A 74 11.92 9.61 3.42
N LEU A 75 12.92 8.92 3.94
CA LEU A 75 14.20 9.52 4.26
C LEU A 75 15.22 8.80 3.45
N ALA A 76 16.01 9.58 2.72
CA ALA A 76 17.08 9.04 1.89
C ALA A 76 18.36 9.80 2.23
N LEU A 77 19.25 9.13 2.97
CA LEU A 77 20.43 9.71 3.61
C LEU A 77 20.06 10.79 4.65
N THR A 78 20.44 12.03 4.37
CA THR A 78 20.15 13.15 5.26
C THR A 78 19.03 14.04 4.74
N THR A 79 18.33 13.60 3.68
CA THR A 79 17.21 14.35 3.14
C THR A 79 15.89 13.62 3.36
N SER A 80 14.89 14.32 3.88
CA SER A 80 13.56 13.78 3.92
C SER A 80 12.72 14.36 2.78
N TYR A 81 11.73 13.59 2.35
CA TYR A 81 10.87 13.97 1.22
C TYR A 81 9.46 13.67 1.67
N PHE A 82 8.53 14.61 1.46
CA PHE A 82 7.15 14.48 1.91
C PHE A 82 6.27 14.89 0.79
N PHE A 83 5.12 14.23 0.66
CA PHE A 83 4.13 14.63 -0.37
C PHE A 83 3.59 15.99 -0.11
N ASN A 84 3.18 16.66 -1.17
CA ASN A 84 2.56 17.96 -1.05
C ASN A 84 1.08 17.75 -0.66
N GLU A 85 0.88 17.41 0.61
CA GLU A 85 -0.46 17.25 1.20
C GLU A 85 -0.47 17.53 2.72
N PRO A 86 -1.59 18.08 3.23
CA PRO A 86 -1.70 18.42 4.66
C PRO A 86 -1.39 17.29 5.65
N ALA A 87 -1.84 16.09 5.36
CA ALA A 87 -1.46 14.91 6.15
C ALA A 87 0.06 14.70 6.24
N ALA A 88 0.78 14.88 5.13
CA ALA A 88 2.21 14.60 5.10
C ALA A 88 3.02 15.66 5.83
N ASP A 89 2.56 16.92 5.74
CA ASP A 89 3.14 18.00 6.49
C ASP A 89 2.91 17.88 7.99
N LEU A 90 1.73 17.40 8.42
CA LEU A 90 1.54 17.09 9.84
C LEU A 90 2.54 16.00 10.25
N ALA A 91 2.67 14.96 9.42
CA ALA A 91 3.63 13.87 9.65
C ALA A 91 5.07 14.35 9.81
N SER A 92 5.46 15.36 9.03
CA SER A 92 6.82 15.89 9.06
C SER A 92 7.26 16.47 10.40
N GLN A 93 6.33 16.80 11.28
CA GLN A 93 6.76 17.31 12.55
C GLN A 93 6.96 16.23 13.62
N TYR A 94 6.84 14.97 13.21
CA TYR A 94 7.02 13.83 14.08
C TYR A 94 8.13 12.87 13.63
N VAL A 95 8.26 12.66 12.32
CA VAL A 95 9.30 11.73 11.81
C VAL A 95 10.44 12.45 11.08
N PHE A 96 11.60 11.82 11.00
CA PHE A 96 12.75 12.32 10.26
C PHE A 96 13.15 13.73 10.73
N ARG A 97 13.16 13.89 12.05
CA ARG A 97 13.45 15.18 12.67
C ARG A 97 14.88 15.58 12.43
N SER A 98 15.76 14.59 12.39
CA SER A 98 17.19 14.84 12.25
C SER A 98 17.68 15.00 10.80
N ALA A 99 16.79 15.03 9.80
CA ALA A 99 17.20 15.27 8.42
C ALA A 99 17.82 16.65 8.26
N ARG A 100 18.92 16.73 7.53
CA ARG A 100 19.58 18.00 7.21
C ARG A 100 18.71 18.94 6.36
N ARG A 101 18.02 18.39 5.37
CA ARG A 101 17.04 19.17 4.62
C ARG A 101 15.78 18.38 4.34
N LYS A 102 14.67 19.10 4.23
CA LYS A 102 13.39 18.55 3.94
C LYS A 102 12.92 19.11 2.61
N ILE A 103 12.63 18.21 1.67
CA ILE A 103 12.06 18.59 0.39
C ILE A 103 10.59 18.20 0.33
N THR A 104 9.76 19.09 -0.16
CA THR A 104 8.39 18.75 -0.45
C THR A 104 8.30 18.39 -1.92
N LEU A 105 7.88 17.16 -2.21
CA LEU A 105 7.59 16.71 -3.58
C LEU A 105 6.50 17.56 -4.24
N PRO A 106 6.60 17.77 -5.58
CA PRO A 106 5.60 18.61 -6.27
C PRO A 106 4.29 17.90 -6.62
N TYR A 107 3.81 17.01 -5.75
CA TYR A 107 2.54 16.33 -5.95
C TYR A 107 2.08 15.77 -4.63
N SER A 108 0.80 15.40 -4.57
CA SER A 108 0.28 14.65 -3.45
C SER A 108 0.45 13.15 -3.71
N GLY A 109 0.15 12.33 -2.71
CA GLY A 109 0.39 10.91 -2.79
C GLY A 109 -0.70 10.05 -3.40
N ASN A 110 -1.73 10.67 -3.98
CA ASN A 110 -2.76 9.84 -4.57
C ASN A 110 -2.43 9.39 -5.98
N TYR A 111 -2.94 8.21 -6.32
CA TYR A 111 -2.63 7.57 -7.59
C TYR A 111 -2.80 8.52 -8.81
N GLU A 112 -3.89 9.28 -8.84
CA GLU A 112 -4.19 10.15 -9.99
C GLU A 112 -3.12 11.22 -10.25
N ARG A 113 -2.71 11.93 -9.20
CA ARG A 113 -1.60 12.89 -9.26
C ARG A 113 -0.24 12.23 -9.51
N LEU A 114 -0.01 11.04 -8.94
CA LEU A 114 1.23 10.31 -9.15
C LEU A 114 1.37 9.85 -10.58
N GLN A 115 0.26 9.45 -11.18
CA GLN A 115 0.24 9.01 -12.58
C GLN A 115 0.53 10.13 -13.55
N ILE A 116 -0.06 11.31 -13.31
CA ILE A 116 0.23 12.51 -14.12
C ILE A 116 1.72 12.90 -14.06
N ALA A 117 2.27 12.94 -12.85
CA ALA A 117 3.68 13.22 -12.63
C ALA A 117 4.60 12.22 -13.31
N ALA A 118 4.20 10.95 -13.33
CA ALA A 118 5.00 9.86 -13.91
C ALA A 118 4.99 9.86 -15.44
N GLY A 119 3.88 10.33 -16.03
CA GLY A 119 3.64 10.24 -17.48
C GLY A 119 3.12 8.88 -17.93
N LYS A 120 2.65 8.08 -16.98
CA LYS A 120 2.19 6.72 -17.26
C LYS A 120 1.12 6.33 -16.26
N PRO A 121 0.06 5.66 -16.73
CA PRO A 121 -0.90 5.04 -15.82
C PRO A 121 -0.23 3.80 -15.21
N ARG A 122 -0.66 3.38 -14.03
CA ARG A 122 -0.01 2.23 -13.39
C ARG A 122 -0.28 0.87 -14.05
N GLU A 123 -1.22 0.87 -14.99
CA GLU A 123 -1.45 -0.26 -15.90
C GLU A 123 -0.19 -0.63 -16.68
N LYS A 124 0.64 0.37 -16.95
CA LYS A 124 1.75 0.20 -17.86
C LYS A 124 3.10 0.21 -17.16
N ILE A 125 3.09 0.25 -15.82
CA ILE A 125 4.32 0.15 -15.05
C ILE A 125 4.43 -1.26 -14.47
N PRO A 126 5.46 -2.03 -14.89
CA PRO A 126 5.69 -3.35 -14.31
C PRO A 126 6.04 -3.25 -12.83
N ILE A 127 5.57 -4.23 -12.06
CA ILE A 127 5.82 -4.30 -10.64
C ILE A 127 6.30 -5.72 -10.32
N GLY A 128 6.84 -5.89 -9.13
CA GLY A 128 7.48 -7.12 -8.74
C GLY A 128 8.59 -6.75 -7.77
N LEU A 129 9.36 -7.74 -7.36
CA LEU A 129 10.49 -7.47 -6.46
C LEU A 129 11.66 -6.76 -7.18
N PRO A 130 11.96 -7.19 -8.43
CA PRO A 130 12.98 -6.42 -9.15
C PRO A 130 12.66 -4.94 -9.26
N ALA A 131 11.40 -4.62 -9.60
CA ALA A 131 10.92 -3.22 -9.67
C ALA A 131 11.09 -2.48 -8.35
N LEU A 132 10.86 -3.19 -7.25
CA LEU A 132 10.97 -2.60 -5.93
C LEU A 132 12.44 -2.21 -5.65
N ASP A 133 13.35 -3.13 -5.93
CA ASP A 133 14.80 -2.85 -5.90
C ASP A 133 15.19 -1.59 -6.70
N THR A 134 14.64 -1.47 -7.92
CA THR A 134 14.82 -0.29 -8.77
C THR A 134 14.26 0.98 -8.15
N ALA A 135 13.01 0.88 -7.65
CA ALA A 135 12.33 1.96 -6.95
C ALA A 135 13.16 2.51 -5.78
N ILE A 136 13.70 1.61 -4.92
CA ILE A 136 14.55 2.05 -3.82
C ILE A 136 15.77 2.84 -4.32
N SER A 137 16.40 2.33 -5.38
CA SER A 137 17.57 2.97 -5.97
C SER A 137 17.27 4.35 -6.54
N THR A 138 16.15 4.47 -7.24
CA THR A 138 15.71 5.73 -7.80
C THR A 138 15.45 6.81 -6.74
N LEU A 139 14.93 6.37 -5.60
CA LEU A 139 14.52 7.30 -4.53
C LEU A 139 15.68 7.90 -3.76
N LEU A 140 16.87 7.28 -3.76
CA LEU A 140 17.90 7.96 -2.94
C LEU A 140 18.65 9.10 -3.70
N HIS A 141 18.28 9.33 -4.94
CA HIS A 141 18.81 10.48 -5.68
C HIS A 141 17.60 11.21 -6.25
N TYR A 142 17.28 12.34 -5.65
CA TYR A 142 16.12 13.12 -6.03
C TYR A 142 16.01 13.37 -7.52
N ASP A 143 14.83 13.07 -8.05
CA ASP A 143 14.46 13.36 -9.40
C ASP A 143 12.93 13.20 -9.31
N SER A 144 12.17 14.31 -9.37
CA SER A 144 10.72 14.25 -9.10
C SER A 144 9.88 13.41 -10.07
N THR A 145 10.32 13.36 -11.31
CA THR A 145 9.62 12.60 -12.34
C THR A 145 9.86 11.11 -12.16
N ALA A 146 11.11 10.69 -11.95
CA ALA A 146 11.41 9.30 -11.70
C ALA A 146 10.83 8.83 -10.37
N ALA A 147 10.77 9.75 -9.40
CA ALA A 147 10.28 9.45 -8.07
C ALA A 147 8.79 9.11 -8.05
N ALA A 148 8.01 9.75 -8.91
CA ALA A 148 6.59 9.48 -9.04
C ALA A 148 6.37 8.03 -9.44
N GLY A 149 7.18 7.55 -10.39
CA GLY A 149 7.09 6.20 -10.92
C GLY A 149 7.56 5.21 -9.89
N ALA A 150 8.67 5.53 -9.21
CA ALA A 150 9.20 4.69 -8.13
C ALA A 150 8.18 4.57 -7.00
N LEU A 151 7.47 5.66 -6.70
CA LEU A 151 6.45 5.65 -5.60
C LEU A 151 5.23 4.84 -5.95
N LEU A 152 4.89 4.78 -7.22
CA LEU A 152 3.77 3.96 -7.67
C LEU A 152 4.11 2.49 -7.49
N VAL A 153 5.36 2.13 -7.72
CA VAL A 153 5.78 0.74 -7.46
C VAL A 153 5.85 0.44 -5.97
N LEU A 154 6.42 1.36 -5.19
CA LEU A 154 6.57 1.17 -3.76
C LEU A 154 5.23 1.01 -3.03
N ILE A 155 4.27 1.89 -3.34
CA ILE A 155 2.91 1.83 -2.76
C ILE A 155 2.23 0.48 -2.99
N GLN A 156 2.31 0.00 -4.22
CA GLN A 156 1.65 -1.22 -4.59
C GLN A 156 2.25 -2.48 -3.99
N THR A 157 3.58 -2.52 -3.87
CA THR A 157 4.31 -3.67 -3.38
C THR A 157 4.40 -3.72 -1.84
N THR A 158 3.98 -2.64 -1.18
CA THR A 158 3.99 -2.61 0.26
C THR A 158 2.56 -2.41 0.79
N ALA A 159 2.04 -1.19 0.72
CA ALA A 159 0.72 -0.89 1.25
C ALA A 159 -0.40 -1.74 0.68
N GLU A 160 -0.47 -1.87 -0.64
CA GLU A 160 -1.57 -2.64 -1.29
C GLU A 160 -1.49 -4.15 -1.08
N ALA A 161 -0.28 -4.68 -1.04
CA ALA A 161 -0.09 -6.08 -0.72
C ALA A 161 -0.44 -6.39 0.74
N ALA A 162 -0.27 -5.40 1.63
CA ALA A 162 -0.72 -5.55 3.01
C ALA A 162 -2.27 -5.58 3.10
N ARG A 163 -2.95 -4.81 2.28
CA ARG A 163 -4.41 -4.70 2.35
C ARG A 163 -5.10 -5.92 1.76
N PHE A 164 -4.47 -6.55 0.77
CA PHE A 164 -5.03 -7.71 0.07
C PHE A 164 -4.04 -8.86 -0.09
N LYS A 165 -4.46 -10.06 0.30
CA LYS A 165 -3.73 -11.29 0.07
C LYS A 165 -3.46 -11.57 -1.41
N TYR A 166 -4.45 -11.31 -2.26
CA TYR A 166 -4.33 -11.46 -3.70
C TYR A 166 -3.11 -10.69 -4.24
N ILE A 167 -2.99 -9.44 -3.81
CA ILE A 167 -1.92 -8.58 -4.32
C ILE A 167 -0.56 -9.04 -3.79
N GLU A 168 -0.49 -9.39 -2.50
CA GLU A 168 0.68 -10.06 -1.97
C GLU A 168 1.13 -11.25 -2.85
N GLN A 169 0.18 -12.13 -3.20
CA GLN A 169 0.45 -13.26 -4.08
C GLN A 169 0.87 -12.83 -5.50
N GLN A 170 0.23 -11.82 -6.07
CA GLN A 170 0.72 -11.26 -7.32
C GLN A 170 2.22 -10.92 -7.25
N ILE A 171 2.66 -10.29 -6.15
CA ILE A 171 4.03 -9.81 -6.01
C ILE A 171 4.97 -10.97 -5.78
N GLN A 172 4.50 -11.97 -5.05
CA GLN A 172 5.25 -13.20 -4.90
C GLN A 172 5.49 -13.94 -6.22
N GLU A 173 4.55 -13.85 -7.15
CA GLU A 173 4.73 -14.45 -8.48
C GLU A 173 5.79 -13.69 -9.29
N ARG A 174 5.96 -12.39 -8.99
CA ARG A 174 6.92 -11.53 -9.66
C ARG A 174 8.19 -11.35 -8.85
N ALA A 175 8.59 -12.40 -8.15
CA ALA A 175 9.79 -12.34 -7.32
C ALA A 175 11.06 -12.12 -8.16
N TYR A 176 11.14 -12.70 -9.37
CA TYR A 176 12.36 -12.61 -10.18
C TYR A 176 12.08 -12.10 -11.58
N ARG A 177 10.88 -11.60 -11.80
CA ARG A 177 10.49 -11.02 -13.08
C ARG A 177 9.33 -10.07 -12.84
N ASP A 178 9.47 -8.83 -13.30
CA ASP A 178 8.41 -7.84 -13.23
C ASP A 178 7.34 -8.07 -14.27
N GLU A 179 6.11 -7.69 -13.92
CA GLU A 179 5.00 -7.77 -14.85
C GLU A 179 4.00 -6.69 -14.48
N VAL A 180 3.34 -6.10 -15.47
CA VAL A 180 2.34 -5.08 -15.17
C VAL A 180 1.24 -5.72 -14.31
N PRO A 181 0.59 -4.92 -13.45
CA PRO A 181 -0.55 -5.49 -12.69
C PRO A 181 -1.75 -5.92 -13.54
N SER A 182 -2.35 -7.06 -13.17
CA SER A 182 -3.63 -7.49 -13.74
C SER A 182 -4.71 -6.46 -13.51
N SER A 183 -5.79 -6.56 -14.29
CA SER A 183 -6.97 -5.69 -14.08
C SER A 183 -7.55 -5.87 -12.69
N ALA A 184 -7.53 -7.10 -12.19
CA ALA A 184 -8.09 -7.39 -10.86
C ALA A 184 -7.36 -6.60 -9.77
N THR A 185 -6.04 -6.63 -9.84
CA THR A 185 -5.18 -5.91 -8.93
C THR A 185 -5.54 -4.43 -8.89
N ILE A 186 -5.78 -3.84 -10.06
CA ILE A 186 -6.10 -2.41 -10.12
C ILE A 186 -7.50 -2.09 -9.53
N SER A 187 -8.49 -2.91 -9.84
CA SER A 187 -9.83 -2.69 -9.31
C SER A 187 -9.87 -2.90 -7.77
N LEU A 188 -9.11 -3.84 -7.28
CA LEU A 188 -8.97 -4.03 -5.84
C LEU A 188 -8.40 -2.77 -5.16
N GLU A 189 -7.30 -2.24 -5.71
CA GLU A 189 -6.68 -1.05 -5.13
C GLU A 189 -7.69 0.07 -5.10
N ASN A 190 -8.39 0.23 -6.22
CA ASN A 190 -9.44 1.24 -6.37
C ASN A 190 -10.70 1.06 -5.50
N SER A 191 -10.93 -0.16 -5.00
CA SER A 191 -12.16 -0.45 -4.24
C SER A 191 -11.96 -0.59 -2.72
N TRP A 192 -10.74 -0.39 -2.22
CA TRP A 192 -10.46 -0.65 -0.81
C TRP A 192 -11.37 0.15 0.14
N SER A 193 -11.42 1.44 -0.09
CA SER A 193 -12.28 2.38 0.60
C SER A 193 -13.77 1.93 0.54
N GLY A 194 -14.24 1.60 -0.67
CA GLY A 194 -15.63 1.21 -0.86
C GLY A 194 -15.97 -0.10 -0.17
N LEU A 195 -15.09 -1.09 -0.31
CA LEU A 195 -15.26 -2.40 0.31
C LEU A 195 -15.21 -2.33 1.85
N SER A 196 -14.31 -1.50 2.37
CA SER A 196 -14.17 -1.29 3.81
C SER A 196 -15.48 -0.79 4.41
N LYS A 197 -16.09 0.17 3.72
CA LYS A 197 -17.30 0.77 4.21
C LYS A 197 -18.49 -0.20 4.15
N GLN A 198 -18.62 -0.96 3.06
CA GLN A 198 -19.71 -1.90 2.90
C GLN A 198 -19.60 -3.11 3.84
N ILE A 199 -18.37 -3.51 4.17
CA ILE A 199 -18.19 -4.58 5.13
C ILE A 199 -18.59 -4.09 6.53
N GLN A 200 -18.22 -2.85 6.87
CA GLN A 200 -18.58 -2.31 8.15
C GLN A 200 -20.09 -2.12 8.37
N LEU A 201 -20.79 -1.65 7.36
CA LEU A 201 -22.20 -1.39 7.57
C LEU A 201 -23.08 -2.57 7.18
N ALA A 202 -22.42 -3.67 6.82
CA ALA A 202 -23.11 -4.94 6.61
C ALA A 202 -23.40 -5.62 7.94
N GLN A 203 -22.73 -5.17 9.01
CA GLN A 203 -22.76 -5.91 10.28
C GLN A 203 -24.05 -5.78 11.12
N GLY A 204 -24.81 -4.71 10.91
CA GLY A 204 -26.18 -4.70 11.45
C GLY A 204 -27.24 -5.14 10.45
N ASN A 205 -26.80 -5.62 9.29
CA ASN A 205 -27.67 -5.89 8.13
C ASN A 205 -27.54 -7.35 7.64
N ASN A 206 -27.26 -8.26 8.57
CA ASN A 206 -27.13 -9.71 8.25
C ASN A 206 -26.02 -10.07 7.25
N GLY A 207 -24.93 -9.31 7.23
CA GLY A 207 -23.87 -9.51 6.25
C GLY A 207 -24.14 -9.01 4.85
N VAL A 208 -25.26 -8.33 4.63
CA VAL A 208 -25.62 -7.82 3.31
C VAL A 208 -25.16 -6.35 3.13
N PHE A 209 -24.47 -6.07 2.01
CA PHE A 209 -24.01 -4.72 1.67
C PHE A 209 -25.22 -3.83 1.36
N ARG A 210 -25.21 -2.59 1.85
CA ARG A 210 -26.18 -1.57 1.43
C ARG A 210 -26.11 -1.26 -0.07
N THR A 211 -24.90 -1.19 -0.63
CA THR A 211 -24.66 -0.99 -2.05
C THR A 211 -23.62 -2.01 -2.54
N PRO A 212 -23.96 -2.78 -3.60
CA PRO A 212 -23.00 -3.74 -4.18
C PRO A 212 -21.72 -3.10 -4.70
N THR A 213 -20.58 -3.77 -4.57
CA THR A 213 -19.34 -3.28 -5.12
C THR A 213 -19.07 -4.02 -6.39
N VAL A 214 -18.66 -3.28 -7.37
CA VAL A 214 -18.29 -3.80 -8.68
C VAL A 214 -16.77 -3.94 -8.81
N LEU A 215 -16.30 -5.18 -8.98
CA LEU A 215 -14.89 -5.50 -9.19
C LEU A 215 -14.65 -6.21 -10.52
N VAL A 216 -13.38 -6.44 -10.86
CA VAL A 216 -13.00 -7.28 -11.99
C VAL A 216 -12.21 -8.48 -11.45
N ASP A 217 -12.53 -9.69 -11.89
CA ASP A 217 -11.80 -10.88 -11.39
C ASP A 217 -10.59 -11.26 -12.27
N SER A 218 -9.92 -12.37 -11.93
CA SER A 218 -8.73 -12.84 -12.66
C SER A 218 -8.89 -12.83 -14.19
N LYS A 219 -9.96 -13.47 -14.68
CA LYS A 219 -10.19 -13.65 -16.13
C LYS A 219 -10.60 -12.33 -16.80
N GLY A 220 -10.57 -11.24 -16.02
CA GLY A 220 -11.01 -9.94 -16.50
C GLY A 220 -12.52 -9.82 -16.57
N ASN A 221 -13.22 -10.70 -15.84
CA ASN A 221 -14.68 -10.72 -15.81
C ASN A 221 -15.25 -9.85 -14.69
N ARG A 222 -16.17 -8.95 -15.07
CA ARG A 222 -16.84 -8.07 -14.11
C ARG A 222 -17.67 -8.87 -13.10
N VAL A 223 -17.52 -8.54 -11.81
CA VAL A 223 -18.24 -9.25 -10.74
C VAL A 223 -18.86 -8.31 -9.71
N GLN A 224 -19.98 -8.74 -9.12
CA GLN A 224 -20.70 -7.95 -8.12
C GLN A 224 -20.65 -8.61 -6.75
N ILE A 225 -20.07 -7.90 -5.79
CA ILE A 225 -19.96 -8.36 -4.41
C ILE A 225 -21.11 -7.72 -3.63
N THR A 226 -21.92 -8.55 -2.98
CA THR A 226 -23.14 -8.09 -2.33
C THR A 226 -23.18 -8.43 -0.84
N ASN A 227 -22.33 -9.35 -0.40
CA ASN A 227 -22.33 -9.75 0.99
C ASN A 227 -20.98 -10.30 1.49
N VAL A 228 -20.84 -10.41 2.81
CA VAL A 228 -19.59 -10.81 3.48
C VAL A 228 -19.17 -12.27 3.24
N THR A 229 -20.02 -13.00 2.52
CA THR A 229 -19.86 -14.43 2.22
C THR A 229 -18.88 -14.65 1.04
N SER A 230 -18.76 -13.63 0.19
CA SER A 230 -17.84 -13.65 -0.93
C SER A 230 -16.38 -13.91 -0.54
N ASN A 231 -15.64 -14.53 -1.45
CA ASN A 231 -14.22 -14.85 -1.27
C ASN A 231 -13.36 -13.61 -1.01
N VAL A 232 -13.74 -12.48 -1.60
CA VAL A 232 -13.04 -11.22 -1.37
C VAL A 232 -12.98 -10.87 0.11
N VAL A 233 -14.06 -11.16 0.83
CA VAL A 233 -14.20 -10.80 2.23
C VAL A 233 -13.59 -11.87 3.12
N THR A 234 -13.80 -13.14 2.76
CA THR A 234 -13.36 -14.25 3.59
C THR A 234 -11.89 -14.59 3.37
N SER A 235 -11.40 -14.32 2.16
CA SER A 235 -10.08 -14.79 1.74
C SER A 235 -9.23 -13.80 0.95
N ASN A 236 -9.44 -12.50 1.14
CA ASN A 236 -8.66 -11.55 0.37
C ASN A 236 -8.31 -10.33 1.20
N ILE A 237 -9.29 -9.45 1.42
CA ILE A 237 -9.10 -8.23 2.23
C ILE A 237 -8.55 -8.53 3.64
N GLN A 238 -7.49 -7.83 4.03
CA GLN A 238 -6.78 -8.09 5.29
C GLN A 238 -6.86 -6.93 6.27
N LEU A 239 -7.30 -5.78 5.80
CA LEU A 239 -7.40 -4.58 6.64
C LEU A 239 -8.58 -3.73 6.22
N LEU A 240 -9.22 -3.12 7.19
CA LEU A 240 -10.36 -2.27 6.89
C LEU A 240 -10.04 -0.89 7.37
N LEU A 241 -10.24 0.04 6.44
CA LEU A 241 -10.27 1.45 6.68
C LEU A 241 -11.55 1.77 7.46
N ASN A 242 -11.36 2.38 8.63
CA ASN A 242 -12.46 2.77 9.49
C ASN A 242 -13.39 3.81 8.79
N THR A 243 -14.72 3.64 8.89
CA THR A 243 -15.69 4.57 8.26
C THR A 243 -15.58 6.02 8.70
N LYS A 244 -14.97 6.26 9.87
CA LYS A 244 -14.69 7.62 10.29
C LYS A 244 -13.79 8.33 9.27
N ASN A 245 -12.81 7.62 8.73
CA ASN A 245 -11.89 8.19 7.73
C ASN A 245 -12.35 8.01 6.28
N ILE A 246 -13.57 7.54 6.07
CA ILE A 246 -14.13 7.45 4.73
C ILE A 246 -15.08 8.65 4.54
N SER B 1 -9.12 -13.16 -3.74
CA SER B 1 -9.35 -14.62 -3.60
C SER B 1 -8.67 -15.40 -4.75
N ASP B 2 -8.84 -14.90 -5.98
CA ASP B 2 -8.26 -15.50 -7.19
C ASP B 2 -6.73 -15.35 -7.22
N ASP B 3 -6.11 -15.55 -8.39
CA ASP B 3 -4.66 -15.36 -8.50
C ASP B 3 -4.04 -14.98 -9.87
N ASP B 4 -3.02 -15.74 -10.26
CA ASP B 4 -1.94 -15.37 -11.22
C ASP B 4 -2.03 -14.25 -12.28
N MET B 5 -0.96 -13.45 -12.30
CA MET B 5 -0.54 -12.60 -13.44
C MET B 5 -1.52 -11.53 -13.94
N GLY B 6 -1.41 -11.13 -15.17
CA GLY B 6 -2.19 -10.02 -15.73
C GLY B 6 -1.31 -8.84 -16.11
C1 NAG C . -23.93 -13.59 -1.05
C2 NAG C . -25.44 -13.63 -1.34
C3 NAG C . -25.77 -14.84 -2.23
C4 NAG C . -24.85 -14.84 -3.47
C5 NAG C . -23.40 -14.88 -3.00
C6 NAG C . -22.39 -14.93 -4.14
C7 NAG C . -27.27 -13.09 0.19
C8 NAG C . -27.83 -13.30 1.57
N2 NAG C . -26.15 -13.78 -0.09
O3 NAG C . -27.14 -14.80 -2.63
O4 NAG C . -25.11 -15.98 -4.29
O5 NAG C . -23.16 -13.71 -2.23
O6 NAG C . -22.56 -13.80 -5.00
O7 NAG C . -27.78 -12.33 -0.58
C1 NAG C . -26.28 -16.12 -5.10
C2 NAG C . -26.11 -16.94 -6.38
C3 NAG C . -27.39 -16.89 -7.20
C4 NAG C . -28.61 -17.32 -6.36
C5 NAG C . -28.63 -16.54 -5.03
C6 NAG C . -29.74 -17.00 -4.10
C7 NAG C . -23.97 -17.16 -7.51
C8 NAG C . -22.89 -16.46 -8.28
N2 NAG C . -25.03 -16.43 -7.20
O3 NAG C . -27.23 -17.77 -8.31
O4 NAG C . -29.78 -16.96 -7.10
O5 NAG C . -27.38 -16.64 -4.35
O6 NAG C . -29.20 -17.86 -3.09
O7 NAG C . -23.84 -18.31 -7.18
#